data_3GFI
#
_entry.id   3GFI
#
_cell.length_a   94.440
_cell.length_b   106.730
_cell.length_c   82.260
_cell.angle_alpha   90.00
_cell.angle_beta   90.00
_cell.angle_gamma   90.00
#
_symmetry.space_group_name_H-M   'C 2 2 21'
#
loop_
_entity.id
_entity.type
_entity.pdbx_description
1 polymer '146aa long hypothetical transcriptional regulator'
2 polymer "5'-D(*TP*AP*AP*CP*AP*AP*TP*AP*GP*CP*AP*AP*A)-3'"
3 polymer "5'-D(*TP*TP*GP*CP*TP*AP*TP*TP*GP*T)-3'"
4 water water
#
loop_
_entity_poly.entity_id
_entity_poly.type
_entity_poly.pdbx_seq_one_letter_code
_entity_poly.pdbx_strand_id
1 'polypeptide(L)'
;MLESNENRIQIMSTIAKIYRAMSRELNRRLGELNLSYLDFLVLRATSDGPKTMAYLANRYFVTQSAITASVDKLEEMGLV
VRVRDREDRRKILIEITEKGLETFNKGIEIYKKLANEVTGDLSEDEVILVLDKISKILKRIEEISQ
;
A,C
2 'polydeoxyribonucleotide' (DT)(DA)(DA)(DC)(DA)(DA)(DT)(DA)(DG)(DC)(DA)(DA)(DA) D
3 'polydeoxyribonucleotide' (DT)(DT)(DG)(DC)(DT)(DA)(DT)(DT)(DG)(DT) E
#
loop_
_chem_comp.id
_chem_comp.type
_chem_comp.name
_chem_comp.formula
DA DNA linking 2'-DEOXYADENOSINE-5'-MONOPHOSPHATE 'C10 H14 N5 O6 P'
DC DNA linking 2'-DEOXYCYTIDINE-5'-MONOPHOSPHATE 'C9 H14 N3 O7 P'
DG DNA linking 2'-DEOXYGUANOSINE-5'-MONOPHOSPHATE 'C10 H14 N5 O7 P'
DT DNA linking THYMIDINE-5'-MONOPHOSPHATE 'C10 H15 N2 O8 P'
#
# COMPACT_ATOMS: atom_id res chain seq x y z
N SER A 4 13.40 -0.10 23.18
CA SER A 4 13.71 -1.34 22.41
C SER A 4 12.77 -2.48 22.80
N ASN A 5 11.49 -2.31 22.49
CA ASN A 5 10.48 -3.31 22.82
C ASN A 5 9.73 -3.73 21.56
N GLU A 6 8.81 -4.68 21.69
CA GLU A 6 8.02 -5.14 20.56
C GLU A 6 7.14 -4.00 20.09
N ASN A 7 7.13 -2.91 20.83
CA ASN A 7 6.32 -1.77 20.46
C ASN A 7 6.90 -1.14 19.19
N ARG A 8 8.21 -1.29 19.01
CA ARG A 8 8.86 -0.73 17.84
C ARG A 8 8.42 -1.38 16.54
N ILE A 9 8.32 -2.70 16.51
CA ILE A 9 7.87 -3.33 15.29
C ILE A 9 6.38 -3.04 15.11
N GLN A 10 5.66 -2.86 16.22
CA GLN A 10 4.23 -2.55 16.18
C GLN A 10 3.98 -1.19 15.53
N ILE A 11 4.88 -0.25 15.76
CA ILE A 11 4.73 1.06 15.16
C ILE A 11 4.82 0.89 13.64
N MET A 12 5.82 0.12 13.20
CA MET A 12 6.01 -0.07 11.77
C MET A 12 4.92 -0.88 11.08
N SER A 13 4.40 -1.91 11.73
CA SER A 13 3.35 -2.68 11.10
C SER A 13 2.02 -1.92 11.17
N THR A 14 1.88 -1.03 12.16
CA THR A 14 0.67 -0.25 12.26
C THR A 14 0.68 0.76 11.13
N ILE A 15 1.86 1.34 10.88
CA ILE A 15 2.01 2.28 9.78
C ILE A 15 1.65 1.56 8.47
N ALA A 16 2.10 0.33 8.35
CA ALA A 16 1.82 -0.50 7.16
C ALA A 16 0.31 -0.77 7.05
N LYS A 17 -0.32 -1.07 8.19
CA LYS A 17 -1.76 -1.31 8.18
C LYS A 17 -2.53 -0.05 7.79
N ILE A 18 -2.04 1.10 8.26
CA ILE A 18 -2.71 2.37 7.93
C ILE A 18 -2.64 2.63 6.43
N TYR A 19 -1.47 2.44 5.83
CA TYR A 19 -1.31 2.66 4.39
C TYR A 19 -2.29 1.81 3.59
N ARG A 20 -2.36 0.54 3.92
CA ARG A 20 -3.25 -0.39 3.21
C ARG A 20 -4.72 -0.06 3.40
N ALA A 21 -5.12 0.21 4.64
CA ALA A 21 -6.52 0.52 4.95
C ALA A 21 -6.94 1.83 4.27
N MET A 22 -6.05 2.82 4.32
CA MET A 22 -6.31 4.11 3.70
C MET A 22 -6.46 3.94 2.20
N SER A 23 -5.63 3.09 1.62
CA SER A 23 -5.69 2.84 0.18
C SER A 23 -7.02 2.18 -0.17
N ARG A 24 -7.46 1.25 0.66
CA ARG A 24 -8.73 0.58 0.43
C ARG A 24 -9.88 1.58 0.55
N GLU A 25 -9.88 2.37 1.61
CA GLU A 25 -10.96 3.34 1.82
C GLU A 25 -10.95 4.42 0.75
N LEU A 26 -9.78 4.90 0.35
CA LEU A 26 -9.72 5.92 -0.69
C LEU A 26 -10.28 5.35 -1.99
N ASN A 27 -9.94 4.10 -2.28
CA ASN A 27 -10.41 3.44 -3.49
C ASN A 27 -11.94 3.44 -3.52
N ARG A 28 -12.56 3.11 -2.38
CA ARG A 28 -14.01 3.09 -2.29
C ARG A 28 -14.60 4.46 -2.49
N ARG A 29 -14.09 5.45 -1.77
CA ARG A 29 -14.60 6.80 -1.88
C ARG A 29 -14.47 7.38 -3.28
N LEU A 30 -13.43 6.97 -4.00
CA LEU A 30 -13.20 7.42 -5.35
C LEU A 30 -14.37 6.95 -6.23
N GLY A 31 -15.01 5.87 -5.79
CA GLY A 31 -16.15 5.33 -6.53
C GLY A 31 -17.25 6.36 -6.71
N GLU A 32 -17.24 7.39 -5.88
CA GLU A 32 -18.24 8.45 -5.97
C GLU A 32 -18.05 9.27 -7.25
N LEU A 33 -16.87 9.14 -7.85
CA LEU A 33 -16.56 9.86 -9.09
C LEU A 33 -16.45 8.84 -10.20
N ASN A 34 -16.90 7.62 -9.93
CA ASN A 34 -16.86 6.53 -10.90
C ASN A 34 -15.43 6.19 -11.29
N LEU A 35 -14.50 6.38 -10.35
CA LEU A 35 -13.09 6.08 -10.57
C LEU A 35 -12.58 5.02 -9.60
N SER A 36 -11.65 4.20 -10.07
CA SER A 36 -11.02 3.21 -9.20
C SER A 36 -9.75 3.97 -8.79
N TYR A 37 -8.98 3.42 -7.85
CA TYR A 37 -7.77 4.11 -7.44
C TYR A 37 -6.80 4.23 -8.62
N LEU A 38 -6.73 3.20 -9.46
CA LEU A 38 -5.83 3.24 -10.61
C LEU A 38 -6.28 4.31 -11.62
N ASP A 39 -7.58 4.41 -11.88
CA ASP A 39 -8.09 5.40 -12.82
C ASP A 39 -7.60 6.76 -12.32
N PHE A 40 -7.71 6.97 -11.02
CA PHE A 40 -7.29 8.21 -10.39
C PHE A 40 -5.79 8.47 -10.62
N LEU A 41 -4.97 7.42 -10.47
CA LEU A 41 -3.53 7.51 -10.66
C LEU A 41 -3.15 7.84 -12.11
N VAL A 42 -3.91 7.32 -13.08
CA VAL A 42 -3.63 7.63 -14.48
C VAL A 42 -3.90 9.13 -14.72
N LEU A 43 -4.97 9.65 -14.13
CA LEU A 43 -5.29 11.07 -14.25
C LEU A 43 -4.21 11.91 -13.56
N ARG A 44 -3.74 11.42 -12.42
CA ARG A 44 -2.69 12.12 -11.68
C ARG A 44 -1.44 12.23 -12.54
N ALA A 45 -1.05 11.12 -13.15
CA ALA A 45 0.15 11.08 -13.99
C ALA A 45 0.03 11.94 -15.25
N THR A 46 -1.16 12.04 -15.82
CA THR A 46 -1.36 12.85 -17.01
C THR A 46 -1.78 14.28 -16.69
N SER A 47 -1.98 14.58 -15.41
CA SER A 47 -2.38 15.93 -15.00
C SER A 47 -1.38 17.01 -15.40
N ASP A 48 -0.11 16.67 -15.45
CA ASP A 48 0.90 17.65 -15.83
C ASP A 48 1.39 17.49 -17.28
N GLY A 49 0.73 16.62 -18.04
CA GLY A 49 1.14 16.43 -19.42
C GLY A 49 0.87 15.02 -19.94
N PRO A 50 0.76 14.87 -21.28
CA PRO A 50 0.48 13.58 -21.92
C PRO A 50 1.57 12.57 -21.59
N LYS A 51 1.19 11.30 -21.49
CA LYS A 51 2.13 10.24 -21.16
C LYS A 51 1.85 9.01 -22.02
N THR A 52 2.88 8.21 -22.29
CA THR A 52 2.70 6.98 -23.07
C THR A 52 2.17 5.90 -22.15
N MET A 53 1.57 4.88 -22.76
CA MET A 53 1.02 3.76 -22.01
C MET A 53 2.12 3.09 -21.19
N ALA A 54 3.27 2.89 -21.82
CA ALA A 54 4.41 2.26 -21.14
C ALA A 54 4.83 3.05 -19.91
N TYR A 55 4.87 4.38 -20.05
CA TYR A 55 5.25 5.23 -18.93
C TYR A 55 4.28 4.97 -17.77
N LEU A 56 2.99 4.89 -18.10
CA LEU A 56 1.94 4.67 -17.12
C LEU A 56 2.09 3.32 -16.41
N ALA A 57 2.31 2.27 -17.19
CA ALA A 57 2.48 0.93 -16.65
C ALA A 57 3.69 0.87 -15.73
N ASN A 58 4.83 1.37 -16.21
CA ASN A 58 6.07 1.38 -15.43
C ASN A 58 5.96 2.26 -14.18
N ARG A 59 5.43 3.46 -14.37
CA ARG A 59 5.26 4.43 -13.29
C ARG A 59 4.62 3.87 -12.02
N TYR A 60 3.63 3.00 -12.18
CA TYR A 60 2.93 2.43 -11.03
C TYR A 60 3.08 0.93 -10.90
N PHE A 61 4.10 0.36 -11.55
CA PHE A 61 4.34 -1.07 -11.49
C PHE A 61 3.05 -1.83 -11.69
N VAL A 62 2.37 -1.55 -12.78
CA VAL A 62 1.11 -2.22 -13.09
C VAL A 62 1.24 -2.80 -14.48
N THR A 63 0.45 -3.83 -14.77
CA THR A 63 0.49 -4.47 -16.07
C THR A 63 0.00 -3.53 -17.17
N GLN A 64 0.47 -3.75 -18.38
CA GLN A 64 0.08 -2.92 -19.51
C GLN A 64 -1.44 -3.01 -19.72
N SER A 65 -1.95 -4.23 -19.63
CA SER A 65 -3.38 -4.48 -19.80
C SER A 65 -4.23 -3.71 -18.80
N ALA A 66 -3.83 -3.71 -17.54
CA ALA A 66 -4.59 -2.99 -16.52
C ALA A 66 -4.65 -1.51 -16.88
N ILE A 67 -3.57 -1.01 -17.47
CA ILE A 67 -3.50 0.40 -17.86
C ILE A 67 -4.46 0.68 -19.03
N THR A 68 -4.57 -0.26 -19.95
CA THR A 68 -5.46 -0.08 -21.09
C THR A 68 -6.93 -0.03 -20.64
N ALA A 69 -7.29 -0.92 -19.72
CA ALA A 69 -8.66 -0.96 -19.20
C ALA A 69 -9.01 0.38 -18.56
N SER A 70 -8.11 0.88 -17.72
CA SER A 70 -8.30 2.16 -17.04
C SER A 70 -8.46 3.29 -18.06
N VAL A 71 -7.57 3.31 -19.04
CA VAL A 71 -7.61 4.34 -20.08
C VAL A 71 -8.92 4.26 -20.86
N ASP A 72 -9.35 3.04 -21.20
CA ASP A 72 -10.59 2.87 -21.95
C ASP A 72 -11.75 3.45 -21.17
N LYS A 73 -11.80 3.14 -19.86
CA LYS A 73 -12.85 3.65 -19.00
C LYS A 73 -12.80 5.17 -18.95
N LEU A 74 -11.60 5.72 -18.76
CA LEU A 74 -11.42 7.16 -18.68
C LEU A 74 -11.80 7.83 -19.99
N GLU A 75 -11.44 7.20 -21.10
CA GLU A 75 -11.74 7.74 -22.42
C GLU A 75 -13.26 7.82 -22.63
N GLU A 76 -13.96 6.71 -22.41
CA GLU A 76 -15.41 6.73 -22.58
C GLU A 76 -16.08 7.75 -21.66
N MET A 77 -15.46 8.04 -20.52
CA MET A 77 -16.03 9.01 -19.60
C MET A 77 -15.61 10.42 -20.01
N GLY A 78 -14.81 10.51 -21.07
CA GLY A 78 -14.35 11.79 -21.57
C GLY A 78 -13.33 12.47 -20.65
N LEU A 79 -12.61 11.66 -19.87
CA LEU A 79 -11.62 12.20 -18.93
C LEU A 79 -10.22 12.31 -19.52
N VAL A 80 -9.95 11.52 -20.54
CA VAL A 80 -8.66 11.54 -21.24
C VAL A 80 -8.93 11.18 -22.68
N VAL A 81 -7.96 11.48 -23.56
CA VAL A 81 -8.08 11.13 -24.96
C VAL A 81 -6.75 10.55 -25.44
N ARG A 82 -6.83 9.66 -26.41
CA ARG A 82 -5.63 9.07 -27.01
C ARG A 82 -5.29 10.00 -28.15
N VAL A 83 -4.04 10.44 -28.22
CA VAL A 83 -3.61 11.35 -29.28
C VAL A 83 -2.26 10.91 -29.79
N ARG A 84 -1.99 11.17 -31.07
CA ARG A 84 -0.72 10.80 -31.65
C ARG A 84 0.36 11.77 -31.18
N ASP A 85 1.51 11.22 -30.84
CA ASP A 85 2.66 11.99 -30.38
C ASP A 85 3.14 12.89 -31.51
N ARG A 86 3.16 14.20 -31.26
CA ARG A 86 3.56 15.17 -32.27
C ARG A 86 5.00 14.99 -32.77
N GLU A 87 5.88 14.42 -31.96
CA GLU A 87 7.27 14.25 -32.39
C GLU A 87 7.49 12.93 -33.14
N ASP A 88 6.52 12.03 -33.05
CA ASP A 88 6.56 10.75 -33.76
C ASP A 88 5.12 10.28 -33.73
N ARG A 89 4.38 10.68 -34.74
CA ARG A 89 2.97 10.36 -34.83
C ARG A 89 2.56 8.90 -34.86
N ARG A 90 3.53 8.00 -34.74
CA ARG A 90 3.24 6.56 -34.67
C ARG A 90 2.90 6.22 -33.22
N LYS A 91 3.41 7.03 -32.29
CA LYS A 91 3.19 6.79 -30.86
C LYS A 91 1.91 7.43 -30.37
N ILE A 92 1.29 6.78 -29.39
CA ILE A 92 0.06 7.27 -28.80
C ILE A 92 0.30 7.73 -27.38
N LEU A 93 -0.21 8.92 -27.08
CA LEU A 93 -0.07 9.52 -25.76
C LEU A 93 -1.46 9.57 -25.16
N ILE A 94 -1.53 9.51 -23.83
CA ILE A 94 -2.81 9.62 -23.13
C ILE A 94 -2.77 11.06 -22.60
N GLU A 95 -3.72 11.86 -23.06
CA GLU A 95 -3.80 13.27 -22.67
C GLU A 95 -5.04 13.51 -21.81
N ILE A 96 -4.88 14.22 -20.72
CA ILE A 96 -6.00 14.50 -19.82
C ILE A 96 -6.87 15.60 -20.44
N THR A 97 -8.18 15.55 -20.24
CA THR A 97 -9.06 16.58 -20.77
C THR A 97 -9.39 17.55 -19.63
N GLU A 98 -10.13 18.59 -19.95
CA GLU A 98 -10.50 19.57 -18.93
C GLU A 98 -11.38 18.88 -17.89
N LYS A 99 -12.30 18.07 -18.36
CA LYS A 99 -13.19 17.33 -17.48
C LYS A 99 -12.34 16.45 -16.57
N GLY A 100 -11.43 15.69 -17.18
CA GLY A 100 -10.57 14.81 -16.41
C GLY A 100 -9.77 15.56 -15.36
N LEU A 101 -9.32 16.76 -15.72
CA LEU A 101 -8.54 17.58 -14.81
C LEU A 101 -9.41 17.97 -13.61
N GLU A 102 -10.64 18.37 -13.90
CA GLU A 102 -11.54 18.77 -12.83
C GLU A 102 -11.93 17.55 -12.00
N THR A 103 -12.06 16.41 -12.64
CA THR A 103 -12.40 15.19 -11.90
C THR A 103 -11.22 14.81 -11.00
N PHE A 104 -10.01 15.03 -11.50
CA PHE A 104 -8.80 14.73 -10.73
C PHE A 104 -8.76 15.58 -9.45
N ASN A 105 -8.99 16.88 -9.60
CA ASN A 105 -8.99 17.79 -8.46
C ASN A 105 -10.02 17.39 -7.43
N LYS A 106 -11.17 16.86 -7.88
CA LYS A 106 -12.19 16.42 -6.94
C LYS A 106 -11.69 15.19 -6.20
N GLY A 107 -10.87 14.41 -6.87
CA GLY A 107 -10.30 13.23 -6.25
C GLY A 107 -9.33 13.66 -5.16
N ILE A 108 -8.59 14.73 -5.42
CA ILE A 108 -7.66 15.25 -4.43
C ILE A 108 -8.44 15.72 -3.20
N GLU A 109 -9.57 16.40 -3.43
CA GLU A 109 -10.41 16.88 -2.34
C GLU A 109 -10.88 15.70 -1.52
N ILE A 110 -11.27 14.62 -2.18
CA ILE A 110 -11.72 13.44 -1.46
C ILE A 110 -10.59 12.91 -0.58
N TYR A 111 -9.38 12.84 -1.12
CA TYR A 111 -8.25 12.36 -0.33
C TYR A 111 -7.98 13.25 0.89
N LYS A 112 -7.92 14.56 0.66
CA LYS A 112 -7.65 15.50 1.74
C LYS A 112 -8.69 15.42 2.85
N LYS A 113 -9.95 15.24 2.46
CA LYS A 113 -11.03 15.12 3.43
C LYS A 113 -10.87 13.84 4.25
N LEU A 114 -10.53 12.75 3.59
CA LEU A 114 -10.34 11.47 4.28
C LEU A 114 -9.14 11.57 5.23
N ALA A 115 -8.04 12.13 4.73
CA ALA A 115 -6.83 12.26 5.54
C ALA A 115 -7.13 13.07 6.80
N ASN A 116 -7.99 14.07 6.67
CA ASN A 116 -8.34 14.89 7.82
C ASN A 116 -9.19 14.09 8.78
N GLU A 117 -10.25 13.47 8.27
CA GLU A 117 -11.15 12.65 9.07
C GLU A 117 -10.43 11.63 9.95
N VAL A 118 -9.55 10.87 9.31
CA VAL A 118 -8.79 9.79 9.94
C VAL A 118 -7.93 10.17 11.14
N THR A 119 -7.51 11.42 11.21
CA THR A 119 -6.69 11.87 12.33
C THR A 119 -7.56 12.63 13.32
N GLY A 120 -8.88 12.57 13.12
CA GLY A 120 -9.82 13.27 13.97
C GLY A 120 -9.72 13.09 15.48
N ASP A 121 -9.23 11.95 15.93
CA ASP A 121 -9.13 11.72 17.37
C ASP A 121 -7.93 12.43 17.97
N LEU A 122 -7.12 13.09 17.15
CA LEU A 122 -5.94 13.77 17.66
C LEU A 122 -6.05 15.30 17.62
N SER A 123 -5.54 15.95 18.67
CA SER A 123 -5.56 17.41 18.76
C SER A 123 -4.44 17.95 17.88
N GLU A 124 -4.45 19.25 17.65
CA GLU A 124 -3.44 19.86 16.80
C GLU A 124 -2.05 19.64 17.40
N ASP A 125 -1.97 19.58 18.73
CA ASP A 125 -0.71 19.35 19.39
C ASP A 125 -0.27 17.89 19.27
N GLU A 126 -1.22 16.96 19.34
CA GLU A 126 -0.86 15.56 19.18
C GLU A 126 -0.42 15.34 17.73
N VAL A 127 -1.06 16.03 16.79
CA VAL A 127 -0.70 15.90 15.39
C VAL A 127 0.76 16.33 15.17
N ILE A 128 1.11 17.49 15.72
CA ILE A 128 2.47 18.00 15.58
C ILE A 128 3.47 17.03 16.21
N LEU A 129 3.11 16.51 17.37
CA LEU A 129 3.98 15.60 18.08
C LEU A 129 4.22 14.32 17.26
N VAL A 130 3.14 13.78 16.71
CA VAL A 130 3.24 12.57 15.90
C VAL A 130 4.12 12.80 14.68
N LEU A 131 3.83 13.88 13.96
CA LEU A 131 4.55 14.26 12.75
C LEU A 131 6.05 14.36 13.03
N ASP A 132 6.39 14.99 14.14
CA ASP A 132 7.78 15.16 14.54
C ASP A 132 8.46 13.81 14.74
N LYS A 133 7.77 12.91 15.42
CA LYS A 133 8.33 11.59 15.69
C LYS A 133 8.44 10.69 14.47
N ILE A 134 7.39 10.59 13.67
CA ILE A 134 7.48 9.73 12.49
C ILE A 134 8.35 10.35 11.40
N SER A 135 8.54 11.66 11.43
CA SER A 135 9.39 12.31 10.43
C SER A 135 10.83 11.86 10.69
N LYS A 136 11.15 11.53 11.94
CA LYS A 136 12.48 11.07 12.28
C LYS A 136 12.62 9.63 11.78
N ILE A 137 11.52 8.88 11.86
CA ILE A 137 11.49 7.51 11.39
C ILE A 137 11.74 7.53 9.89
N LEU A 138 11.02 8.41 9.21
CA LEU A 138 11.16 8.57 7.77
C LEU A 138 12.62 8.84 7.42
N LYS A 139 13.21 9.79 8.14
CA LYS A 139 14.59 10.17 7.88
C LYS A 139 15.56 9.00 8.01
N ARG A 140 15.34 8.15 9.01
CA ARG A 140 16.22 7.02 9.22
C ARG A 140 16.07 5.95 8.15
N ILE A 141 14.83 5.61 7.78
CA ILE A 141 14.64 4.59 6.77
C ILE A 141 15.17 5.08 5.41
N GLU A 142 15.04 6.37 5.13
CA GLU A 142 15.57 6.90 3.88
C GLU A 142 17.11 6.89 3.89
N GLU A 143 17.72 7.20 5.03
CA GLU A 143 19.18 7.18 5.11
C GLU A 143 19.66 5.75 4.89
N ILE A 144 18.91 4.78 5.40
CA ILE A 144 19.26 3.37 5.26
C ILE A 144 19.06 2.85 3.84
N SER A 145 17.83 2.91 3.37
CA SER A 145 17.49 2.43 2.03
C SER A 145 17.92 3.39 0.94
N GLN A 146 18.58 4.47 1.34
CA GLN A 146 19.07 5.52 0.44
C GLN A 146 18.55 5.43 -0.99
N ASN B 5 -6.30 20.39 8.68
CA ASN B 5 -5.04 21.16 8.50
C ASN B 5 -4.06 20.43 7.59
N GLU B 6 -3.00 21.13 7.18
CA GLU B 6 -1.98 20.57 6.33
C GLU B 6 -1.17 19.54 7.11
N ASN B 7 -0.92 19.82 8.38
CA ASN B 7 -0.16 18.89 9.23
C ASN B 7 -0.82 17.52 9.29
N ARG B 8 -2.15 17.51 9.28
CA ARG B 8 -2.90 16.26 9.33
C ARG B 8 -2.69 15.51 8.02
N ILE B 9 -2.65 16.25 6.92
CA ILE B 9 -2.42 15.64 5.61
C ILE B 9 -0.96 15.21 5.52
N GLN B 10 -0.08 15.98 6.15
CA GLN B 10 1.34 15.68 6.16
C GLN B 10 1.59 14.33 6.85
N ILE B 11 0.80 14.05 7.88
CA ILE B 11 0.94 12.79 8.60
C ILE B 11 0.72 11.61 7.65
N MET B 12 -0.35 11.68 6.89
CA MET B 12 -0.70 10.62 5.98
C MET B 12 0.30 10.51 4.84
N SER B 13 0.86 11.65 4.43
CA SER B 13 1.84 11.69 3.35
C SER B 13 3.17 11.09 3.85
N THR B 14 3.51 11.38 5.10
CA THR B 14 4.74 10.87 5.70
C THR B 14 4.61 9.36 5.91
N ILE B 15 3.43 8.91 6.34
CA ILE B 15 3.19 7.49 6.55
C ILE B 15 3.37 6.77 5.21
N ALA B 16 2.87 7.38 4.15
CA ALA B 16 2.99 6.80 2.80
C ALA B 16 4.45 6.68 2.40
N LYS B 17 5.24 7.73 2.66
CA LYS B 17 6.67 7.72 2.33
C LYS B 17 7.42 6.65 3.11
N ILE B 18 7.10 6.54 4.39
CA ILE B 18 7.74 5.54 5.25
C ILE B 18 7.42 4.14 4.72
N TYR B 19 6.15 3.90 4.44
CA TYR B 19 5.74 2.59 3.93
C TYR B 19 6.47 2.19 2.65
N ARG B 20 6.56 3.10 1.69
CA ARG B 20 7.24 2.82 0.45
C ARG B 20 8.72 2.55 0.69
N ALA B 21 9.37 3.33 1.55
CA ALA B 21 10.79 3.15 1.83
C ALA B 21 11.03 1.85 2.60
N MET B 22 10.15 1.56 3.55
CA MET B 22 10.25 0.34 4.36
C MET B 22 10.01 -0.89 3.49
N SER B 23 8.99 -0.82 2.63
CA SER B 23 8.70 -1.94 1.75
C SER B 23 9.91 -2.24 0.88
N ARG B 24 10.52 -1.20 0.33
CA ARG B 24 11.68 -1.37 -0.53
C ARG B 24 12.83 -2.05 0.22
N GLU B 25 13.17 -1.56 1.40
CA GLU B 25 14.26 -2.15 2.15
C GLU B 25 13.94 -3.57 2.63
N LEU B 26 12.69 -3.81 3.00
CA LEU B 26 12.32 -5.15 3.45
C LEU B 26 12.46 -6.12 2.28
N ASN B 27 12.09 -5.69 1.08
CA ASN B 27 12.22 -6.56 -0.08
C ASN B 27 13.68 -6.93 -0.28
N ARG B 28 14.56 -5.96 -0.08
CA ARG B 28 15.99 -6.19 -0.22
C ARG B 28 16.47 -7.20 0.82
N ARG B 29 16.14 -6.95 2.09
CA ARG B 29 16.59 -7.82 3.16
C ARG B 29 15.95 -9.20 3.22
N LEU B 30 14.65 -9.28 2.93
CA LEU B 30 13.96 -10.56 2.93
C LEU B 30 14.48 -11.46 1.81
N GLY B 31 15.21 -10.87 0.86
CA GLY B 31 15.77 -11.66 -0.23
C GLY B 31 16.75 -12.69 0.30
N GLU B 32 17.22 -12.46 1.52
CA GLU B 32 18.17 -13.36 2.19
C GLU B 32 17.51 -14.73 2.36
N LEU B 33 16.19 -14.70 2.54
CA LEU B 33 15.41 -15.91 2.75
C LEU B 33 14.68 -16.29 1.46
N ASN B 34 15.07 -15.66 0.36
CA ASN B 34 14.46 -15.91 -0.93
C ASN B 34 12.97 -15.57 -0.91
N LEU B 35 12.62 -14.55 -0.12
CA LEU B 35 11.25 -14.10 0.00
C LEU B 35 11.10 -12.68 -0.51
N SER B 36 9.92 -12.35 -1.00
CA SER B 36 9.64 -10.99 -1.45
C SER B 36 8.91 -10.46 -0.23
N TYR B 37 8.64 -9.17 -0.18
CA TYR B 37 7.92 -8.60 0.95
C TYR B 37 6.49 -9.15 0.93
N LEU B 38 5.94 -9.34 -0.27
CA LEU B 38 4.58 -9.86 -0.39
C LEU B 38 4.54 -11.32 0.05
N ASP B 39 5.55 -12.10 -0.34
CA ASP B 39 5.59 -13.51 0.08
C ASP B 39 5.52 -13.53 1.59
N PHE B 40 6.34 -12.69 2.22
CA PHE B 40 6.38 -12.60 3.66
C PHE B 40 4.99 -12.29 4.24
N LEU B 41 4.28 -11.34 3.63
CA LEU B 41 2.95 -10.95 4.09
C LEU B 41 1.92 -12.09 3.93
N VAL B 42 2.09 -12.91 2.89
CA VAL B 42 1.20 -14.05 2.68
C VAL B 42 1.42 -15.05 3.80
N LEU B 43 2.69 -15.27 4.16
CA LEU B 43 3.04 -16.18 5.24
C LEU B 43 2.47 -15.64 6.54
N ARG B 44 2.63 -14.34 6.73
CA ARG B 44 2.15 -13.66 7.93
C ARG B 44 0.64 -13.86 8.11
N ALA B 45 -0.10 -13.78 7.00
CA ALA B 45 -1.54 -13.92 7.02
C ALA B 45 -1.97 -15.36 7.29
N THR B 46 -1.31 -16.31 6.64
CA THR B 46 -1.63 -17.72 6.80
C THR B 46 -1.04 -18.36 8.05
N SER B 47 -0.21 -17.62 8.78
CA SER B 47 0.40 -18.14 10.00
C SER B 47 -0.62 -18.46 11.09
N ASP B 48 -1.76 -17.78 11.07
CA ASP B 48 -2.78 -18.00 12.08
C ASP B 48 -3.98 -18.76 11.55
N GLY B 49 -3.87 -19.29 10.33
CA GLY B 49 -4.98 -20.03 9.75
C GLY B 49 -5.08 -19.85 8.25
N PRO B 50 -5.57 -20.87 7.53
CA PRO B 50 -5.72 -20.84 6.07
C PRO B 50 -6.48 -19.61 5.58
N LYS B 51 -6.14 -19.13 4.39
CA LYS B 51 -6.77 -17.95 3.82
C LYS B 51 -7.01 -18.13 2.32
N THR B 52 -7.97 -17.38 1.79
CA THR B 52 -8.30 -17.44 0.37
C THR B 52 -7.52 -16.37 -0.37
N MET B 53 -7.28 -16.59 -1.66
CA MET B 53 -6.54 -15.65 -2.49
C MET B 53 -7.21 -14.28 -2.43
N ALA B 54 -8.52 -14.27 -2.63
CA ALA B 54 -9.30 -13.03 -2.61
C ALA B 54 -9.03 -12.29 -1.31
N TYR B 55 -9.07 -13.02 -0.20
CA TYR B 55 -8.82 -12.43 1.11
C TYR B 55 -7.46 -11.75 1.14
N LEU B 56 -6.45 -12.47 0.69
CA LEU B 56 -5.08 -11.97 0.66
C LEU B 56 -4.93 -10.72 -0.18
N ALA B 57 -5.53 -10.72 -1.37
CA ALA B 57 -5.47 -9.59 -2.28
C ALA B 57 -6.13 -8.34 -1.67
N ASN B 58 -7.23 -8.55 -0.97
CA ASN B 58 -7.95 -7.43 -0.37
C ASN B 58 -7.18 -6.84 0.82
N ARG B 59 -6.76 -7.72 1.73
CA ARG B 59 -6.03 -7.29 2.93
C ARG B 59 -4.76 -6.50 2.63
N TYR B 60 -3.99 -6.94 1.63
CA TYR B 60 -2.76 -6.24 1.31
C TYR B 60 -2.91 -5.30 0.12
N PHE B 61 -4.15 -5.14 -0.34
CA PHE B 61 -4.45 -4.25 -1.46
C PHE B 61 -3.51 -4.45 -2.63
N VAL B 62 -3.60 -5.62 -3.25
CA VAL B 62 -2.77 -5.93 -4.41
C VAL B 62 -3.64 -6.75 -5.35
N THR B 63 -3.23 -6.87 -6.61
CA THR B 63 -4.01 -7.63 -7.56
C THR B 63 -4.08 -9.09 -7.14
N GLN B 64 -5.16 -9.78 -7.50
CA GLN B 64 -5.31 -11.18 -7.15
C GLN B 64 -4.28 -12.03 -7.87
N SER B 65 -3.75 -11.52 -8.99
CA SER B 65 -2.76 -12.25 -9.74
C SER B 65 -1.44 -12.26 -8.96
N ALA B 66 -1.07 -11.11 -8.40
CA ALA B 66 0.15 -10.98 -7.62
C ALA B 66 0.16 -12.00 -6.50
N ILE B 67 -1.00 -12.22 -5.88
CA ILE B 67 -1.13 -13.18 -4.81
C ILE B 67 -0.85 -14.57 -5.38
N THR B 68 -1.36 -14.82 -6.58
CA THR B 68 -1.17 -16.10 -7.25
C THR B 68 0.30 -16.39 -7.44
N ALA B 69 1.01 -15.44 -8.03
CA ALA B 69 2.44 -15.60 -8.27
C ALA B 69 3.16 -15.83 -6.95
N SER B 70 2.88 -15.00 -5.96
CA SER B 70 3.49 -15.14 -4.65
C SER B 70 3.22 -16.55 -4.13
N VAL B 71 1.95 -16.96 -4.20
CA VAL B 71 1.53 -18.28 -3.74
C VAL B 71 2.29 -19.41 -4.43
N ASP B 72 2.43 -19.34 -5.75
CA ASP B 72 3.14 -20.37 -6.48
C ASP B 72 4.57 -20.52 -5.97
N LYS B 73 5.25 -19.40 -5.78
CA LYS B 73 6.63 -19.42 -5.28
C LYS B 73 6.69 -20.05 -3.90
N LEU B 74 5.77 -19.64 -3.03
CA LEU B 74 5.73 -20.16 -1.68
C LEU B 74 5.44 -21.65 -1.65
N GLU B 75 4.58 -22.11 -2.56
CA GLU B 75 4.23 -23.52 -2.62
C GLU B 75 5.39 -24.37 -3.12
N GLU B 76 6.08 -23.87 -4.15
CA GLU B 76 7.21 -24.60 -4.71
C GLU B 76 8.34 -24.72 -3.70
N MET B 77 8.54 -23.67 -2.90
CA MET B 77 9.57 -23.68 -1.87
C MET B 77 9.07 -24.50 -0.69
N GLY B 78 7.86 -25.04 -0.83
CA GLY B 78 7.27 -25.85 0.22
C GLY B 78 6.97 -25.07 1.48
N LEU B 79 6.59 -23.80 1.35
CA LEU B 79 6.28 -22.96 2.50
C LEU B 79 4.78 -22.90 2.77
N VAL B 80 4.00 -23.15 1.72
CA VAL B 80 2.55 -23.17 1.83
C VAL B 80 2.02 -24.25 0.89
N VAL B 81 0.76 -24.62 1.07
CA VAL B 81 0.13 -25.61 0.22
C VAL B 81 -1.33 -25.26 0.00
N ARG B 82 -1.84 -25.61 -1.18
CA ARG B 82 -3.24 -25.34 -1.49
C ARG B 82 -4.05 -26.58 -1.13
N VAL B 83 -5.02 -26.40 -0.24
CA VAL B 83 -5.87 -27.50 0.20
C VAL B 83 -7.34 -27.11 0.11
N ARG B 84 -8.19 -28.10 -0.19
CA ARG B 84 -9.62 -27.87 -0.30
C ARG B 84 -10.24 -27.50 1.04
N ASP B 85 -11.23 -26.62 1.00
CA ASP B 85 -11.91 -26.18 2.21
C ASP B 85 -12.94 -27.22 2.66
N ARG B 86 -12.77 -27.72 3.88
CA ARG B 86 -13.68 -28.71 4.45
C ARG B 86 -15.13 -28.29 4.30
N GLU B 87 -15.37 -26.99 4.22
CA GLU B 87 -16.72 -26.46 4.08
C GLU B 87 -17.19 -26.61 2.63
N ASP B 88 -16.35 -26.16 1.70
CA ASP B 88 -16.67 -26.25 0.27
C ASP B 88 -15.43 -26.68 -0.49
N ARG B 89 -15.40 -27.95 -0.89
CA ARG B 89 -14.25 -28.49 -1.62
C ARG B 89 -13.96 -27.85 -2.96
N ARG B 90 -14.71 -26.81 -3.32
CA ARG B 90 -14.45 -26.12 -4.58
C ARG B 90 -13.73 -24.81 -4.35
N LYS B 91 -13.59 -24.44 -3.08
CA LYS B 91 -12.89 -23.22 -2.69
C LYS B 91 -11.54 -23.58 -2.10
N ILE B 92 -10.47 -23.12 -2.74
CA ILE B 92 -9.11 -23.41 -2.29
C ILE B 92 -8.60 -22.43 -1.24
N LEU B 93 -8.08 -22.98 -0.15
CA LEU B 93 -7.54 -22.18 0.94
C LEU B 93 -6.02 -22.33 1.02
N ILE B 94 -5.32 -21.21 1.14
CA ILE B 94 -3.87 -21.24 1.25
C ILE B 94 -3.48 -21.59 2.67
N GLU B 95 -2.78 -22.71 2.83
CA GLU B 95 -2.35 -23.16 4.15
C GLU B 95 -0.83 -23.16 4.22
N ILE B 96 -0.31 -22.71 5.37
CA ILE B 96 1.12 -22.64 5.58
C ILE B 96 1.65 -23.94 6.18
N THR B 97 2.90 -24.28 5.84
CA THR B 97 3.52 -25.49 6.36
C THR B 97 4.54 -25.13 7.42
N GLU B 98 4.85 -26.10 8.29
CA GLU B 98 5.83 -25.87 9.36
C GLU B 98 7.06 -25.14 8.86
N LYS B 99 7.52 -25.51 7.66
CA LYS B 99 8.69 -24.89 7.07
C LYS B 99 8.42 -23.40 6.80
N GLY B 100 7.22 -23.12 6.31
CA GLY B 100 6.85 -21.74 6.03
C GLY B 100 6.75 -20.94 7.31
N LEU B 101 6.29 -21.60 8.37
CA LEU B 101 6.14 -20.96 9.66
C LEU B 101 7.51 -20.66 10.25
N GLU B 102 8.49 -21.49 9.91
CA GLU B 102 9.85 -21.31 10.41
C GLU B 102 10.54 -20.23 9.58
N THR B 103 10.24 -20.21 8.29
CA THR B 103 10.80 -19.22 7.39
C THR B 103 10.22 -17.85 7.73
N PHE B 104 8.93 -17.84 8.03
CA PHE B 104 8.22 -16.62 8.40
C PHE B 104 8.89 -16.04 9.64
N ASN B 105 9.16 -16.91 10.61
CA ASN B 105 9.80 -16.51 11.85
C ASN B 105 11.12 -15.79 11.60
N LYS B 106 11.88 -16.30 10.64
CA LYS B 106 13.16 -15.67 10.31
C LYS B 106 12.89 -14.29 9.70
N GLY B 107 11.79 -14.17 8.97
CA GLY B 107 11.43 -12.90 8.37
C GLY B 107 11.10 -11.89 9.47
N ILE B 108 10.48 -12.34 10.56
CA ILE B 108 10.14 -11.46 11.66
C ILE B 108 11.41 -10.88 12.29
N GLU B 109 12.45 -11.72 12.40
CA GLU B 109 13.73 -11.28 12.96
C GLU B 109 14.30 -10.13 12.14
N ILE B 110 14.24 -10.28 10.82
CA ILE B 110 14.73 -9.23 9.92
C ILE B 110 13.88 -7.98 10.10
N TYR B 111 12.57 -8.17 10.10
CA TYR B 111 11.64 -7.05 10.26
C TYR B 111 11.89 -6.32 11.60
N LYS B 112 12.03 -7.09 12.67
CA LYS B 112 12.27 -6.50 13.99
C LYS B 112 13.55 -5.68 14.04
N LYS B 113 14.62 -6.19 13.43
CA LYS B 113 15.88 -5.49 13.43
C LYS B 113 15.80 -4.13 12.69
N LEU B 114 15.09 -4.11 11.57
CA LEU B 114 14.94 -2.88 10.79
C LEU B 114 14.09 -1.89 11.59
N ALA B 115 13.01 -2.40 12.18
CA ALA B 115 12.11 -1.59 12.99
C ALA B 115 12.83 -0.91 14.16
N ASN B 116 13.66 -1.68 14.85
CA ASN B 116 14.41 -1.13 15.98
C ASN B 116 15.37 -0.05 15.53
N GLU B 117 15.99 -0.28 14.38
CA GLU B 117 16.95 0.66 13.82
C GLU B 117 16.27 1.95 13.40
N VAL B 118 15.18 1.81 12.65
CA VAL B 118 14.43 2.93 12.12
C VAL B 118 13.78 3.83 13.18
N THR B 119 13.42 3.26 14.33
CA THR B 119 12.82 4.04 15.41
C THR B 119 13.87 4.39 16.48
N GLY B 120 15.14 4.18 16.13
CA GLY B 120 16.24 4.44 17.05
C GLY B 120 16.37 5.79 17.73
N ASP B 121 15.76 6.83 17.15
CA ASP B 121 15.84 8.16 17.74
C ASP B 121 14.75 8.37 18.78
N LEU B 122 13.88 7.38 18.91
CA LEU B 122 12.76 7.44 19.84
C LEU B 122 12.98 6.64 21.11
N SER B 123 12.79 7.31 22.24
CA SER B 123 12.93 6.67 23.54
C SER B 123 11.77 5.70 23.73
N GLU B 124 11.85 4.88 24.76
CA GLU B 124 10.79 3.92 25.02
C GLU B 124 9.45 4.64 25.19
N ASP B 125 9.45 5.77 25.89
CA ASP B 125 8.24 6.55 26.12
C ASP B 125 7.68 7.09 24.81
N GLU B 126 8.54 7.72 24.01
CA GLU B 126 8.13 8.27 22.72
C GLU B 126 7.49 7.17 21.86
N VAL B 127 8.06 5.98 21.90
CA VAL B 127 7.53 4.85 21.15
C VAL B 127 6.10 4.55 21.59
N ILE B 128 5.89 4.45 22.90
CA ILE B 128 4.56 4.18 23.42
C ILE B 128 3.59 5.28 23.00
N LEU B 129 4.06 6.53 23.03
CA LEU B 129 3.23 7.67 22.66
C LEU B 129 2.85 7.63 21.18
N VAL B 130 3.86 7.43 20.31
CA VAL B 130 3.61 7.36 18.87
C VAL B 130 2.62 6.23 18.58
N LEU B 131 2.94 5.05 19.10
CA LEU B 131 2.11 3.87 18.89
C LEU B 131 0.66 4.04 19.32
N ASP B 132 0.45 4.71 20.45
CA ASP B 132 -0.91 4.91 20.94
C ASP B 132 -1.68 5.83 19.99
N LYS B 133 -1.02 6.88 19.55
CA LYS B 133 -1.64 7.85 18.65
C LYS B 133 -1.96 7.30 17.26
N ILE B 134 -1.00 6.64 16.62
CA ILE B 134 -1.26 6.10 15.27
C ILE B 134 -2.23 4.92 15.33
N SER B 135 -2.27 4.23 16.48
CA SER B 135 -3.22 3.12 16.65
C SER B 135 -4.63 3.69 16.58
N LYS B 136 -4.78 4.94 17.02
CA LYS B 136 -6.08 5.60 16.97
C LYS B 136 -6.44 5.94 15.52
N ILE B 137 -5.42 6.25 14.72
CA ILE B 137 -5.63 6.57 13.31
C ILE B 137 -6.15 5.33 12.59
N LEU B 138 -5.51 4.20 12.87
CA LEU B 138 -5.91 2.94 12.26
C LEU B 138 -7.30 2.54 12.72
N LYS B 139 -7.56 2.63 14.03
CA LYS B 139 -8.88 2.26 14.54
C LYS B 139 -9.93 3.15 13.89
N ARG B 140 -9.60 4.43 13.72
CA ARG B 140 -10.53 5.37 13.11
C ARG B 140 -10.81 4.99 11.65
N ILE B 141 -9.77 4.56 10.93
CA ILE B 141 -9.94 4.17 9.53
C ILE B 141 -10.85 2.95 9.44
N GLU B 142 -10.67 2.00 10.37
CA GLU B 142 -11.48 0.79 10.36
C GLU B 142 -12.95 1.06 10.68
N GLU B 143 -13.21 1.94 11.63
CA GLU B 143 -14.59 2.25 11.99
C GLU B 143 -15.28 2.81 10.75
N ILE B 144 -14.58 3.72 10.07
CA ILE B 144 -15.10 4.36 8.86
C ILE B 144 -15.19 3.41 7.65
N SER B 145 -14.45 2.32 7.68
CA SER B 145 -14.47 1.37 6.57
C SER B 145 -15.65 0.42 6.57
N GLN B 146 -16.39 0.38 7.67
CA GLN B 146 -17.54 -0.51 7.79
C GLN B 146 -18.54 -0.24 6.66
#